data_2WAU
#
_entry.id   2WAU
#
_cell.length_a   62.943
_cell.length_b   62.943
_cell.length_c   334.269
_cell.angle_alpha   90.00
_cell.angle_beta   90.00
_cell.angle_gamma   90.00
#
_symmetry.space_group_name_H-M   'P 43 21 2'
#
_entity_poly.entity_id   1
_entity_poly.type   'polypeptide(L)'
_entity_poly.pdbx_seq_one_letter_code
;ICNKYKNINVNMKKNNDDTWTDLVKNSSDINKGVLLPPRRKNLFLKIDESDICKYKRDPKLFKDFIYSSAISEVERLKKV
YGEAKTKVVHAMKYSFADIGSIIKGDDMMENNSSDKIGKILGDGVGQNEKRKKWWDMNKYHIWESMLSGYKHAYGNISEN
DRKMLDIPNNDDEHQFLRWFQEWTENFCTKRNELYENMVTACNSAKCNTSNGSVDKKECTEACKNYSNFILIKKKEYQSL
NSQYDMNYKETKAEKKESPEYFKDKCNGECSCLSEYFKDETRWKNPYETLDDTEVKNNCMCK
;
_entity_poly.pdbx_strand_id   A,B
#
# COMPACT_ATOMS: atom_id res chain seq x y z
N ASP A 18 -9.59 5.74 -0.94
CA ASP A 18 -8.51 6.03 -1.92
C ASP A 18 -7.59 4.81 -2.16
N THR A 19 -7.60 3.87 -1.22
CA THR A 19 -6.72 2.70 -1.28
C THR A 19 -7.41 1.46 -1.89
N TRP A 20 -6.63 0.58 -2.50
CA TRP A 20 -7.14 -0.66 -3.06
C TRP A 20 -7.01 -1.82 -2.09
N THR A 21 -8.03 -1.96 -1.26
CA THR A 21 -8.04 -2.92 -0.15
C THR A 21 -8.25 -4.35 -0.63
N ASP A 22 -7.92 -5.31 0.23
CA ASP A 22 -8.10 -6.73 -0.06
C ASP A 22 -9.30 -7.31 0.69
N LEU A 23 -10.31 -6.46 0.92
CA LEU A 23 -11.53 -6.87 1.60
C LEU A 23 -12.46 -7.65 0.67
N VAL A 24 -11.91 -8.70 0.05
CA VAL A 24 -12.66 -9.52 -0.89
C VAL A 24 -12.93 -10.93 -0.34
N LYS A 25 -13.92 -11.60 -0.92
CA LYS A 25 -14.28 -12.96 -0.55
C LYS A 25 -13.23 -13.94 -1.06
N ASN A 26 -12.93 -14.95 -0.24
CA ASN A 26 -12.00 -16.03 -0.58
C ASN A 26 -10.61 -15.56 -1.03
N SER A 27 -10.10 -14.52 -0.37
CA SER A 27 -8.80 -13.93 -0.71
C SER A 27 -7.60 -14.79 -0.30
N SER A 28 -7.86 -15.82 0.51
CA SER A 28 -6.87 -16.84 0.82
C SER A 28 -6.96 -17.97 -0.18
N ASP A 29 -8.10 -18.06 -0.87
CA ASP A 29 -8.37 -19.13 -1.81
C ASP A 29 -8.31 -18.62 -3.25
N ILE A 30 -9.35 -18.96 -4.03
CA ILE A 30 -9.39 -18.69 -5.46
C ILE A 30 -9.34 -17.20 -5.83
N ASN A 31 -9.42 -16.33 -4.82
CA ASN A 31 -9.36 -14.88 -5.03
C ASN A 31 -8.13 -14.20 -4.41
N LYS A 32 -6.99 -14.90 -4.40
CA LYS A 32 -5.75 -14.35 -3.86
C LYS A 32 -5.19 -13.27 -4.77
N GLY A 33 -4.99 -12.08 -4.21
CA GLY A 33 -4.44 -10.95 -4.96
C GLY A 33 -5.50 -10.07 -5.59
N VAL A 34 -6.76 -10.46 -5.47
CA VAL A 34 -7.88 -9.65 -5.93
C VAL A 34 -8.01 -8.43 -5.02
N LEU A 35 -7.97 -7.25 -5.63
CA LEU A 35 -8.12 -6.01 -4.89
C LEU A 35 -9.44 -5.33 -5.19
N LEU A 36 -9.99 -4.71 -4.16
CA LEU A 36 -11.33 -4.13 -4.18
C LEU A 36 -11.25 -2.62 -4.46
N PRO A 37 -11.88 -2.17 -5.58
CA PRO A 37 -11.85 -0.76 -5.99
C PRO A 37 -12.49 0.16 -4.95
N PRO A 38 -11.84 1.32 -4.67
CA PRO A 38 -12.41 2.31 -3.75
C PRO A 38 -13.85 2.68 -4.12
N ARG A 39 -14.07 2.90 -5.41
CA ARG A 39 -15.40 3.17 -5.96
C ARG A 39 -16.43 2.12 -5.53
N ARG A 40 -16.05 0.85 -5.59
CA ARG A 40 -16.93 -0.25 -5.18
C ARG A 40 -17.10 -0.31 -3.66
N LYS A 41 -16.02 -0.08 -2.91
CA LYS A 41 -16.08 -0.03 -1.45
C LYS A 41 -17.07 1.05 -0.99
N ASN A 42 -17.14 2.13 -1.77
CA ASN A 42 -18.00 3.27 -1.46
C ASN A 42 -19.42 3.17 -2.05
N LEU A 43 -19.65 2.16 -2.89
CA LEU A 43 -20.99 1.91 -3.42
C LEU A 43 -21.88 1.36 -2.31
N PHE A 44 -22.76 2.22 -1.80
CA PHE A 44 -23.66 1.86 -0.70
C PHE A 44 -24.86 1.07 -1.20
N LEU A 45 -24.94 -0.18 -0.77
CA LEU A 45 -26.06 -1.07 -1.06
C LEU A 45 -26.12 -2.15 0.00
N LYS A 46 -26.70 -1.80 1.14
CA LYS A 46 -26.79 -2.72 2.26
C LYS A 46 -28.24 -3.11 2.52
N ILE A 47 -28.48 -4.41 2.58
CA ILE A 47 -29.76 -4.95 3.03
C ILE A 47 -29.52 -5.54 4.42
N ASP A 48 -30.35 -5.14 5.37
CA ASP A 48 -30.29 -5.72 6.71
C ASP A 48 -31.13 -6.98 6.76
N GLU A 49 -30.73 -7.94 7.60
CA GLU A 49 -31.49 -9.17 7.79
C GLU A 49 -32.90 -8.93 8.34
N SER A 50 -33.13 -7.71 8.84
CA SER A 50 -34.44 -7.30 9.33
C SER A 50 -35.44 -7.17 8.18
N ASP A 51 -35.06 -6.41 7.15
CA ASP A 51 -35.94 -6.18 5.99
C ASP A 51 -35.95 -7.32 4.96
N ILE A 52 -35.52 -8.50 5.39
CA ILE A 52 -35.51 -9.70 4.54
C ILE A 52 -36.92 -10.11 4.07
N CYS A 53 -37.92 -9.80 4.90
CA CYS A 53 -39.32 -10.15 4.62
C CYS A 53 -40.08 -9.05 3.89
N LYS A 54 -39.78 -7.79 4.22
CA LYS A 54 -40.33 -6.63 3.53
C LYS A 54 -40.09 -6.70 2.02
N TYR A 55 -38.92 -7.21 1.65
CA TYR A 55 -38.52 -7.29 0.25
C TYR A 55 -38.95 -8.59 -0.44
N LYS A 56 -39.17 -9.65 0.34
CA LYS A 56 -39.59 -10.93 -0.23
C LYS A 56 -41.06 -10.93 -0.65
N ARG A 57 -41.95 -10.53 0.25
CA ARG A 57 -43.38 -10.52 -0.04
C ARG A 57 -43.83 -9.34 -0.90
N ASP A 58 -43.04 -8.27 -0.92
CA ASP A 58 -43.33 -7.10 -1.74
C ASP A 58 -42.21 -6.91 -2.78
N PRO A 59 -42.39 -7.50 -3.98
CA PRO A 59 -41.37 -7.51 -5.03
C PRO A 59 -40.97 -6.11 -5.53
N LYS A 60 -41.93 -5.19 -5.57
CA LYS A 60 -41.68 -3.86 -6.14
C LYS A 60 -41.06 -2.87 -5.13
N LEU A 61 -41.16 -3.19 -3.84
CA LEU A 61 -40.50 -2.40 -2.80
C LEU A 61 -38.99 -2.60 -2.87
N PHE A 62 -38.58 -3.85 -3.08
CA PHE A 62 -37.19 -4.21 -3.31
C PHE A 62 -36.65 -3.49 -4.55
N LYS A 63 -37.45 -3.47 -5.60
CA LYS A 63 -37.11 -2.78 -6.85
C LYS A 63 -36.81 -1.31 -6.61
N ASP A 64 -37.73 -0.60 -5.96
CA ASP A 64 -37.56 0.81 -5.65
C ASP A 64 -36.28 1.10 -4.86
N PHE A 65 -35.88 0.14 -4.03
CA PHE A 65 -34.64 0.25 -3.25
C PHE A 65 -33.40 0.07 -4.12
N ILE A 66 -33.43 -0.89 -5.03
CA ILE A 66 -32.32 -1.14 -5.96
C ILE A 66 -32.16 0.03 -6.93
N TYR A 67 -33.28 0.55 -7.42
CA TYR A 67 -33.30 1.70 -8.31
C TYR A 67 -32.76 2.94 -7.61
N SER A 68 -33.14 3.14 -6.34
CA SER A 68 -32.70 4.30 -5.57
C SER A 68 -31.27 4.15 -5.06
N SER A 69 -30.79 2.91 -4.94
CA SER A 69 -29.38 2.65 -4.64
C SER A 69 -28.53 3.04 -5.84
N ALA A 70 -29.04 2.73 -7.04
CA ALA A 70 -28.43 3.16 -8.29
C ALA A 70 -28.46 4.69 -8.40
N ILE A 71 -29.58 5.29 -8.01
CA ILE A 71 -29.75 6.75 -7.98
C ILE A 71 -28.69 7.41 -7.09
N SER A 72 -28.62 6.97 -5.84
CA SER A 72 -27.70 7.52 -4.84
C SER A 72 -26.24 7.39 -5.23
N GLU A 73 -25.94 6.31 -5.95
CA GLU A 73 -24.59 6.05 -6.45
C GLU A 73 -24.13 7.11 -7.44
N VAL A 74 -25.04 7.52 -8.33
CA VAL A 74 -24.78 8.61 -9.28
C VAL A 74 -24.63 9.94 -8.54
N GLU A 75 -25.43 10.12 -7.49
CA GLU A 75 -25.36 11.30 -6.64
C GLU A 75 -24.06 11.37 -5.85
N ARG A 76 -23.56 10.19 -5.45
CA ARG A 76 -22.28 10.09 -4.75
C ARG A 76 -21.11 10.42 -5.68
N LEU A 77 -21.20 9.96 -6.93
CA LEU A 77 -20.13 10.15 -7.91
C LEU A 77 -19.88 11.63 -8.25
N LYS A 78 -20.95 12.42 -8.29
CA LYS A 78 -20.84 13.87 -8.51
C LYS A 78 -20.13 14.56 -7.35
N LYS A 79 -20.37 14.09 -6.13
CA LYS A 79 -19.70 14.59 -4.94
C LYS A 79 -18.18 14.39 -5.01
N VAL A 80 -17.77 13.29 -5.64
CA VAL A 80 -16.36 12.94 -5.77
C VAL A 80 -15.68 13.67 -6.93
N TYR A 81 -16.19 13.47 -8.14
CA TYR A 81 -15.53 13.97 -9.35
C TYR A 81 -15.90 15.40 -9.76
N GLY A 82 -17.12 15.83 -9.44
CA GLY A 82 -17.58 17.21 -9.60
C GLY A 82 -17.22 17.99 -10.85
N GLU A 83 -18.16 18.06 -11.80
CA GLU A 83 -17.99 18.78 -13.07
C GLU A 83 -16.98 18.12 -14.01
N ALA A 84 -16.58 16.90 -13.67
CA ALA A 84 -15.78 16.08 -14.57
C ALA A 84 -16.71 15.03 -15.17
N LYS A 85 -17.53 15.46 -16.13
CA LYS A 85 -18.58 14.65 -16.74
C LYS A 85 -18.11 13.26 -17.18
N THR A 86 -16.98 13.21 -17.88
CA THR A 86 -16.43 11.97 -18.39
C THR A 86 -16.05 11.01 -17.26
N LYS A 87 -15.46 11.56 -16.21
CA LYS A 87 -14.97 10.80 -15.06
C LYS A 87 -16.09 10.21 -14.21
N VAL A 88 -17.28 10.81 -14.29
CA VAL A 88 -18.46 10.35 -13.54
C VAL A 88 -19.21 9.27 -14.34
N VAL A 89 -19.43 9.54 -15.62
CA VAL A 89 -20.11 8.63 -16.54
C VAL A 89 -19.38 7.29 -16.65
N HIS A 90 -18.05 7.35 -16.71
CA HIS A 90 -17.20 6.17 -16.81
C HIS A 90 -17.31 5.28 -15.57
N ALA A 91 -17.46 5.91 -14.41
CA ALA A 91 -17.63 5.21 -13.13
C ALA A 91 -19.04 4.62 -12.98
N MET A 92 -20.05 5.32 -13.52
CA MET A 92 -21.43 4.83 -13.53
C MET A 92 -21.49 3.44 -14.13
N LYS A 93 -20.85 3.27 -15.28
CA LYS A 93 -20.83 2.01 -16.01
C LYS A 93 -20.19 0.87 -15.20
N TYR A 94 -19.22 1.22 -14.35
CA TYR A 94 -18.62 0.25 -13.44
C TYR A 94 -19.56 -0.10 -12.30
N SER A 95 -20.17 0.92 -11.70
CA SER A 95 -21.10 0.75 -10.59
C SER A 95 -22.37 0.03 -11.03
N PHE A 96 -22.89 0.41 -12.18
CA PHE A 96 -24.01 -0.28 -12.83
C PHE A 96 -23.73 -1.78 -12.90
N ALA A 97 -22.60 -2.11 -13.53
CA ALA A 97 -22.15 -3.50 -13.69
C ALA A 97 -21.99 -4.22 -12.35
N ASP A 98 -21.46 -3.50 -11.35
CA ASP A 98 -21.26 -4.05 -10.01
C ASP A 98 -22.58 -4.42 -9.34
N ILE A 99 -23.59 -3.55 -9.49
CA ILE A 99 -24.93 -3.85 -8.99
C ILE A 99 -25.44 -5.16 -9.60
N GLY A 100 -25.18 -5.34 -10.89
CA GLY A 100 -25.47 -6.60 -11.57
C GLY A 100 -24.81 -7.79 -10.89
N SER A 101 -23.52 -7.65 -10.60
CA SER A 101 -22.75 -8.68 -9.90
C SER A 101 -23.29 -8.93 -8.49
N ILE A 102 -23.67 -7.85 -7.81
CA ILE A 102 -24.26 -7.92 -6.48
C ILE A 102 -25.59 -8.69 -6.54
N ILE A 103 -26.43 -8.34 -7.51
CA ILE A 103 -27.72 -9.00 -7.72
C ILE A 103 -27.56 -10.47 -8.10
N LYS A 104 -26.72 -10.74 -9.10
CA LYS A 104 -26.56 -12.10 -9.64
C LYS A 104 -25.79 -13.05 -8.74
N GLY A 105 -25.06 -12.50 -7.76
CA GLY A 105 -24.27 -13.31 -6.82
C GLY A 105 -22.82 -13.44 -7.21
N ASP A 106 -22.43 -12.77 -8.28
CA ASP A 106 -21.06 -12.84 -8.82
C ASP A 106 -20.07 -11.96 -8.04
N ASP A 107 -20.61 -11.00 -7.30
CA ASP A 107 -19.81 -9.99 -6.60
C ASP A 107 -18.80 -10.59 -5.60
N MET A 108 -17.68 -9.88 -5.43
CA MET A 108 -16.53 -10.40 -4.66
C MET A 108 -16.26 -9.73 -3.32
N MET A 109 -16.94 -8.60 -3.05
CA MET A 109 -16.80 -7.89 -1.77
C MET A 109 -17.39 -8.73 -0.63
N GLU A 110 -16.82 -8.62 0.57
CA GLU A 110 -17.16 -9.51 1.69
C GLU A 110 -18.56 -9.30 2.30
N ASN A 111 -18.84 -8.09 2.76
CA ASN A 111 -20.15 -7.80 3.38
C ASN A 111 -21.14 -7.18 2.39
N ASN A 112 -21.19 -7.76 1.20
CA ASN A 112 -22.01 -7.26 0.10
C ASN A 112 -23.51 -7.56 0.22
N SER A 113 -23.87 -8.32 1.24
CA SER A 113 -25.26 -8.79 1.46
C SER A 113 -25.86 -9.51 0.25
N SER A 114 -25.01 -10.27 -0.45
CA SER A 114 -25.42 -11.06 -1.60
C SER A 114 -26.24 -12.28 -1.17
N ASP A 115 -25.94 -12.78 0.04
CA ASP A 115 -26.67 -13.88 0.65
C ASP A 115 -28.13 -13.52 0.87
N LYS A 116 -28.36 -12.29 1.35
CA LYS A 116 -29.70 -11.79 1.64
C LYS A 116 -30.53 -11.61 0.37
N ILE A 117 -29.88 -11.13 -0.70
CA ILE A 117 -30.52 -10.96 -2.01
C ILE A 117 -30.98 -12.31 -2.58
N GLY A 118 -30.14 -13.34 -2.41
CA GLY A 118 -30.47 -14.69 -2.84
C GLY A 118 -31.76 -15.21 -2.24
N LYS A 119 -31.94 -14.97 -0.95
CA LYS A 119 -33.17 -15.35 -0.24
C LYS A 119 -34.37 -14.53 -0.71
N ILE A 120 -34.17 -13.21 -0.82
CA ILE A 120 -35.23 -12.28 -1.26
C ILE A 120 -35.79 -12.69 -2.62
N LEU A 121 -34.91 -12.92 -3.59
CA LEU A 121 -35.34 -13.26 -4.95
C LEU A 121 -35.73 -14.73 -5.11
N GLY A 122 -35.95 -15.41 -3.99
CA GLY A 122 -36.47 -16.77 -3.96
C GLY A 122 -35.55 -17.84 -4.53
N ASP A 123 -34.25 -17.58 -4.47
CA ASP A 123 -33.25 -18.51 -4.99
C ASP A 123 -32.59 -19.23 -3.81
N GLY A 124 -31.65 -18.56 -3.16
CA GLY A 124 -31.02 -19.05 -1.94
C GLY A 124 -30.18 -20.30 -2.05
N VAL A 125 -29.58 -20.69 -0.94
CA VAL A 125 -28.77 -21.93 -0.80
C VAL A 125 -27.75 -22.18 -1.93
N GLY A 126 -27.22 -21.10 -2.49
CA GLY A 126 -26.15 -21.18 -3.49
C GLY A 126 -26.61 -21.46 -4.92
N GLN A 127 -27.80 -21.00 -5.26
CA GLN A 127 -28.33 -21.15 -6.62
C GLN A 127 -28.12 -19.87 -7.43
N ASN A 128 -28.70 -19.81 -8.63
CA ASN A 128 -28.43 -18.71 -9.55
C ASN A 128 -29.61 -18.30 -10.44
N GLU A 129 -30.45 -19.27 -10.83
CA GLU A 129 -31.50 -19.06 -11.84
C GLU A 129 -32.48 -17.91 -11.59
N LYS A 130 -33.06 -17.86 -10.40
CA LYS A 130 -34.08 -16.85 -10.07
C LYS A 130 -33.52 -15.43 -10.06
N ARG A 131 -32.39 -15.26 -9.37
CA ARG A 131 -31.75 -13.95 -9.24
C ARG A 131 -31.05 -13.48 -10.53
N LYS A 132 -30.73 -14.44 -11.40
CA LYS A 132 -30.11 -14.14 -12.69
C LYS A 132 -31.13 -13.54 -13.64
N LYS A 133 -32.35 -14.07 -13.62
CA LYS A 133 -33.43 -13.58 -14.47
C LYS A 133 -33.94 -12.22 -14.00
N TRP A 134 -33.93 -12.00 -12.67
CA TRP A 134 -34.35 -10.72 -12.11
C TRP A 134 -33.48 -9.58 -12.61
N TRP A 135 -32.16 -9.77 -12.57
CA TRP A 135 -31.22 -8.79 -13.10
C TRP A 135 -31.52 -8.54 -14.58
N ASP A 136 -31.58 -9.63 -15.35
CA ASP A 136 -31.85 -9.58 -16.79
C ASP A 136 -33.09 -8.76 -17.15
N MET A 137 -34.07 -8.75 -16.25
CA MET A 137 -35.33 -8.04 -16.48
C MET A 137 -35.31 -6.59 -16.00
N ASN A 138 -34.28 -6.22 -15.23
CA ASN A 138 -34.20 -4.89 -14.64
C ASN A 138 -33.00 -4.04 -15.08
N LYS A 139 -32.03 -4.67 -15.75
CA LYS A 139 -30.82 -3.97 -16.24
C LYS A 139 -31.15 -2.64 -16.89
N TYR A 140 -32.17 -2.64 -17.74
CA TYR A 140 -32.57 -1.46 -18.49
C TYR A 140 -33.10 -0.35 -17.61
N HIS A 141 -33.99 -0.70 -16.68
CA HIS A 141 -34.64 0.30 -15.82
C HIS A 141 -33.70 0.82 -14.73
N ILE A 142 -32.82 -0.05 -14.25
CA ILE A 142 -31.76 0.35 -13.31
C ILE A 142 -30.87 1.41 -13.95
N TRP A 143 -30.48 1.18 -15.21
CA TRP A 143 -29.67 2.15 -15.96
C TRP A 143 -30.45 3.41 -16.28
N GLU A 144 -31.75 3.28 -16.56
CA GLU A 144 -32.62 4.43 -16.82
C GLU A 144 -32.73 5.34 -15.61
N SER A 145 -32.74 4.74 -14.42
CA SER A 145 -32.72 5.47 -13.16
C SER A 145 -31.42 6.29 -13.06
N MET A 146 -30.29 5.61 -13.25
CA MET A 146 -28.97 6.25 -13.22
C MET A 146 -28.87 7.42 -14.21
N LEU A 147 -29.60 7.33 -15.32
CA LEU A 147 -29.68 8.40 -16.31
C LEU A 147 -30.47 9.61 -15.80
N SER A 148 -31.54 9.35 -15.07
CA SER A 148 -32.32 10.40 -14.41
C SER A 148 -31.51 11.02 -13.27
N GLY A 149 -30.69 10.19 -12.63
CA GLY A 149 -29.78 10.65 -11.57
C GLY A 149 -28.71 11.57 -12.11
N TYR A 150 -28.22 11.27 -13.31
CA TYR A 150 -27.24 12.12 -14.00
C TYR A 150 -27.85 13.46 -14.39
N LYS A 151 -29.12 13.43 -14.80
CA LYS A 151 -29.86 14.63 -15.18
C LYS A 151 -30.12 15.53 -13.98
N HIS A 152 -30.42 14.92 -12.84
CA HIS A 152 -30.64 15.64 -11.57
C HIS A 152 -29.33 16.23 -11.03
N ALA A 153 -28.21 15.71 -11.52
CA ALA A 153 -26.88 16.16 -11.08
C ALA A 153 -26.32 17.30 -11.92
N TYR A 154 -26.58 17.26 -13.23
CA TYR A 154 -26.01 18.23 -14.16
C TYR A 154 -27.03 19.10 -14.90
N GLY A 155 -28.31 18.94 -14.55
CA GLY A 155 -29.37 19.78 -15.09
C GLY A 155 -30.04 19.23 -16.33
N ASN A 156 -29.47 19.52 -17.49
CA ASN A 156 -30.03 19.09 -18.77
C ASN A 156 -29.14 18.10 -19.51
N ILE A 157 -29.74 17.02 -19.99
CA ILE A 157 -29.05 16.03 -20.80
C ILE A 157 -28.82 16.58 -22.21
N SER A 158 -27.54 16.69 -22.58
CA SER A 158 -27.16 17.26 -23.87
C SER A 158 -27.50 16.32 -25.03
N GLU A 159 -27.79 16.90 -26.18
CA GLU A 159 -28.18 16.16 -27.39
C GLU A 159 -27.02 15.34 -27.95
N ASN A 160 -25.79 15.77 -27.70
CA ASN A 160 -24.60 15.06 -28.14
C ASN A 160 -23.78 14.45 -26.99
N ASP A 161 -24.31 14.54 -25.78
CA ASP A 161 -23.69 13.92 -24.60
C ASP A 161 -24.15 12.48 -24.46
N ARG A 162 -25.35 12.20 -24.99
CA ARG A 162 -26.03 10.91 -24.79
C ARG A 162 -25.30 9.69 -25.40
N LYS A 163 -24.39 9.94 -26.33
CA LYS A 163 -23.60 8.85 -26.94
C LYS A 163 -22.71 8.16 -25.90
N MET A 164 -22.20 8.93 -24.95
CA MET A 164 -21.48 8.40 -23.80
C MET A 164 -22.41 7.61 -22.89
N LEU A 165 -23.64 8.10 -22.75
CA LEU A 165 -24.62 7.55 -21.81
C LEU A 165 -25.51 6.47 -22.45
N ASP A 166 -24.90 5.61 -23.25
CA ASP A 166 -25.60 4.50 -23.87
C ASP A 166 -25.77 3.38 -22.84
N ILE A 167 -26.74 2.49 -23.07
CA ILE A 167 -26.93 1.33 -22.21
C ILE A 167 -25.68 0.45 -22.31
N PRO A 168 -24.91 0.34 -21.22
CA PRO A 168 -23.57 -0.23 -21.32
C PRO A 168 -23.54 -1.76 -21.28
N ASN A 169 -22.51 -2.34 -21.88
CA ASN A 169 -22.28 -3.78 -21.86
C ASN A 169 -21.07 -4.14 -20.99
N ASN A 170 -21.33 -4.30 -19.70
CA ASN A 170 -20.32 -4.71 -18.74
C ASN A 170 -20.84 -5.88 -17.90
N ASP A 171 -22.16 -6.03 -17.91
CA ASP A 171 -22.88 -6.97 -17.03
C ASP A 171 -22.47 -8.44 -17.13
N ASP A 172 -22.17 -8.90 -18.35
CA ASP A 172 -21.80 -10.29 -18.57
C ASP A 172 -20.30 -10.56 -18.41
N GLU A 173 -19.50 -9.50 -18.50
CA GLU A 173 -18.04 -9.58 -18.42
C GLU A 173 -17.57 -9.88 -17.00
N HIS A 174 -16.61 -10.79 -16.89
CA HIS A 174 -16.02 -11.18 -15.60
C HIS A 174 -15.63 -9.95 -14.77
N GLN A 175 -15.99 -9.98 -13.49
CA GLN A 175 -15.84 -8.82 -12.61
C GLN A 175 -14.38 -8.42 -12.40
N PHE A 176 -13.54 -9.39 -12.08
CA PHE A 176 -12.11 -9.14 -11.87
C PHE A 176 -11.50 -8.39 -13.05
N LEU A 177 -11.87 -8.80 -14.26
CA LEU A 177 -11.40 -8.16 -15.49
C LEU A 177 -11.80 -6.69 -15.58
N ARG A 178 -13.01 -6.36 -15.12
CA ARG A 178 -13.48 -4.98 -15.05
C ARG A 178 -12.72 -4.20 -13.98
N TRP A 179 -12.57 -4.82 -12.81
CA TRP A 179 -11.86 -4.24 -11.67
C TRP A 179 -10.40 -3.93 -12.01
N PHE A 180 -9.75 -4.89 -12.68
CA PHE A 180 -8.37 -4.74 -13.13
C PHE A 180 -8.26 -3.65 -14.18
N GLN A 181 -9.22 -3.62 -15.11
CA GLN A 181 -9.29 -2.59 -16.15
C GLN A 181 -9.41 -1.21 -15.53
N GLU A 182 -10.28 -1.10 -14.53
CA GLU A 182 -10.48 0.14 -13.79
C GLU A 182 -9.20 0.58 -13.10
N TRP A 183 -8.56 -0.36 -12.40
CA TRP A 183 -7.28 -0.11 -11.74
C TRP A 183 -6.29 0.49 -12.72
N THR A 184 -6.14 -0.17 -13.87
CA THR A 184 -5.18 0.20 -14.90
C THR A 184 -5.44 1.59 -15.47
N GLU A 185 -6.70 1.86 -15.79
CA GLU A 185 -7.13 3.18 -16.26
C GLU A 185 -6.81 4.26 -15.25
N ASN A 186 -7.21 4.03 -14.00
CA ASN A 186 -6.96 4.96 -12.90
C ASN A 186 -5.47 5.10 -12.58
N PHE A 187 -4.74 4.00 -12.74
CA PHE A 187 -3.29 3.99 -12.58
C PHE A 187 -2.62 4.87 -13.64
N CYS A 188 -2.98 4.64 -14.91
CA CYS A 188 -2.39 5.36 -16.04
C CYS A 188 -2.75 6.85 -16.05
N THR A 189 -3.95 7.18 -15.57
CA THR A 189 -4.39 8.57 -15.48
C THR A 189 -3.59 9.32 -14.42
N LYS A 190 -3.41 8.69 -13.26
CA LYS A 190 -2.68 9.29 -12.15
C LYS A 190 -1.18 9.34 -12.41
N ARG A 191 -0.63 8.28 -13.00
CA ARG A 191 0.78 8.22 -13.38
C ARG A 191 1.13 9.34 -14.35
N ASN A 192 0.28 9.54 -15.36
CA ASN A 192 0.44 10.61 -16.34
C ASN A 192 0.27 12.00 -15.71
N GLU A 193 -0.69 12.11 -14.80
CA GLU A 193 -0.96 13.37 -14.10
C GLU A 193 0.22 13.78 -13.24
N LEU A 194 0.77 12.83 -12.48
CA LEU A 194 1.90 13.09 -11.59
C LEU A 194 3.22 13.28 -12.34
N TYR A 195 3.34 12.64 -13.50
CA TYR A 195 4.52 12.81 -14.36
C TYR A 195 4.50 14.15 -15.07
N GLU A 196 3.32 14.76 -15.16
CA GLU A 196 3.16 16.08 -15.77
C GLU A 196 3.58 17.18 -14.81
N ASN A 197 3.30 16.99 -13.52
CA ASN A 197 3.72 17.92 -12.47
C ASN A 197 5.22 17.89 -12.24
N MET A 198 5.84 16.76 -12.57
CA MET A 198 7.27 16.56 -12.42
C MET A 198 8.06 17.38 -13.44
N VAL A 199 7.40 17.76 -14.54
CA VAL A 199 8.01 18.56 -15.59
C VAL A 199 7.81 20.06 -15.33
N THR A 200 6.64 20.42 -14.82
CA THR A 200 6.35 21.82 -14.46
C THR A 200 6.87 22.19 -13.06
N ALA A 201 7.86 21.42 -12.60
CA ALA A 201 8.54 21.70 -11.33
C ALA A 201 10.04 21.87 -11.55
N CYS A 202 10.56 21.24 -12.60
CA CYS A 202 11.97 21.34 -12.97
C CYS A 202 12.21 21.02 -14.44
N ASN A 203 13.03 21.86 -15.08
CA ASN A 203 13.44 21.65 -16.47
C ASN A 203 14.92 21.32 -16.55
N SER A 204 15.70 21.98 -15.69
CA SER A 204 17.13 21.71 -15.53
C SER A 204 17.54 22.06 -14.10
N ALA A 205 18.22 21.12 -13.44
CA ALA A 205 18.62 21.29 -12.05
C ALA A 205 19.85 20.44 -11.69
N LYS A 206 20.83 20.42 -12.60
CA LYS A 206 22.00 19.54 -12.45
C LYS A 206 22.81 19.80 -11.18
N CYS A 207 23.37 18.73 -10.61
CA CYS A 207 24.02 18.77 -9.31
C CYS A 207 25.42 18.15 -9.34
N ASP A 215 21.30 19.57 -5.86
CA ASP A 215 20.13 20.00 -5.10
C ASP A 215 19.67 21.37 -5.57
N LYS A 216 18.40 21.46 -5.96
CA LYS A 216 17.77 22.75 -6.22
C LYS A 216 16.53 22.96 -5.34
N LYS A 217 15.50 23.59 -5.88
CA LYS A 217 14.38 24.07 -5.05
C LYS A 217 13.28 23.02 -4.78
N GLU A 218 12.31 22.94 -5.68
CA GLU A 218 11.07 22.18 -5.42
C GLU A 218 10.93 20.86 -6.17
N CYS A 219 11.75 20.68 -7.22
CA CYS A 219 11.66 19.53 -8.13
C CYS A 219 11.54 18.16 -7.44
N THR A 220 12.41 17.90 -6.47
CA THR A 220 12.50 16.59 -5.82
C THR A 220 11.21 16.15 -5.11
N GLU A 221 10.41 17.11 -4.68
CA GLU A 221 9.11 16.83 -4.04
C GLU A 221 8.21 16.02 -4.97
N ALA A 222 8.21 16.38 -6.25
CA ALA A 222 7.44 15.65 -7.28
C ALA A 222 8.07 14.30 -7.58
N CYS A 223 9.41 14.24 -7.54
CA CYS A 223 10.15 12.99 -7.77
C CYS A 223 9.84 11.95 -6.69
N LYS A 224 9.72 12.41 -5.45
CA LYS A 224 9.34 11.55 -4.33
C LYS A 224 7.89 11.07 -4.47
N ASN A 225 7.02 11.96 -4.92
CA ASN A 225 5.60 11.66 -5.12
C ASN A 225 5.34 10.65 -6.24
N TYR A 226 6.03 10.84 -7.37
CA TYR A 226 5.93 9.91 -8.50
C TYR A 226 6.50 8.55 -8.12
N SER A 227 7.69 8.55 -7.53
CA SER A 227 8.35 7.32 -7.08
C SER A 227 7.52 6.57 -6.05
N ASN A 228 7.03 7.30 -5.04
CA ASN A 228 6.15 6.71 -4.02
C ASN A 228 4.94 6.04 -4.65
N PHE A 229 4.24 6.80 -5.50
CA PHE A 229 3.06 6.31 -6.22
C PHE A 229 3.33 5.01 -6.97
N ILE A 230 4.37 5.01 -7.81
CA ILE A 230 4.77 3.82 -8.58
C ILE A 230 5.01 2.63 -7.65
N LEU A 231 5.57 2.89 -6.47
CA LEU A 231 5.90 1.85 -5.51
C LEU A 231 4.71 1.36 -4.67
N ILE A 232 3.69 2.20 -4.51
CA ILE A 232 2.43 1.75 -3.91
C ILE A 232 1.73 0.83 -4.89
N LYS A 233 1.66 1.27 -6.14
CA LYS A 233 0.95 0.56 -7.19
C LYS A 233 1.72 -0.68 -7.66
N LYS A 234 3.05 -0.64 -7.51
CA LYS A 234 3.89 -1.81 -7.75
C LYS A 234 3.34 -3.03 -7.01
N LYS A 235 3.19 -2.89 -5.69
CA LYS A 235 2.70 -3.96 -4.83
C LYS A 235 1.28 -4.40 -5.20
N GLU A 236 0.44 -3.41 -5.51
CA GLU A 236 -0.96 -3.64 -5.88
C GLU A 236 -1.08 -4.44 -7.19
N TYR A 237 -0.33 -4.02 -8.19
CA TYR A 237 -0.29 -4.69 -9.49
C TYR A 237 0.22 -6.11 -9.34
N GLN A 238 1.35 -6.27 -8.63
CA GLN A 238 1.92 -7.59 -8.32
C GLN A 238 0.87 -8.52 -7.73
N SER A 239 -0.05 -7.95 -6.94
CA SER A 239 -1.14 -8.70 -6.35
C SER A 239 -2.23 -8.99 -7.39
N LEU A 240 -2.62 -7.97 -8.15
CA LEU A 240 -3.64 -8.12 -9.20
C LEU A 240 -3.18 -9.03 -10.34
N ASN A 241 -1.92 -8.89 -10.73
CA ASN A 241 -1.34 -9.70 -11.80
C ASN A 241 -1.10 -11.15 -11.37
N SER A 242 -0.95 -11.36 -10.06
CA SER A 242 -0.86 -12.70 -9.49
C SER A 242 -2.14 -13.49 -9.75
N GLN A 243 -3.29 -12.82 -9.59
CA GLN A 243 -4.60 -13.42 -9.83
C GLN A 243 -4.86 -13.63 -11.33
N TYR A 244 -4.55 -12.61 -12.12
CA TYR A 244 -4.75 -12.64 -13.57
C TYR A 244 -4.06 -13.84 -14.23
N ASP A 245 -2.76 -13.96 -14.02
CA ASP A 245 -1.96 -15.03 -14.59
C ASP A 245 -2.43 -16.42 -14.17
N MET A 246 -2.80 -16.55 -12.90
CA MET A 246 -3.23 -17.81 -12.31
C MET A 246 -4.54 -18.34 -12.92
N ASN A 247 -5.50 -17.44 -13.14
CA ASN A 247 -6.83 -17.83 -13.58
C ASN A 247 -7.24 -17.35 -14.97
N TYR A 248 -7.30 -16.04 -15.15
CA TYR A 248 -8.02 -15.44 -16.27
C TYR A 248 -7.25 -15.39 -17.60
N LYS A 249 -5.92 -15.37 -17.52
CA LYS A 249 -5.09 -15.45 -18.72
C LYS A 249 -5.08 -16.87 -19.28
N GLU A 250 -5.20 -17.85 -18.38
CA GLU A 250 -5.06 -19.26 -18.72
C GLU A 250 -6.25 -19.82 -19.49
N THR A 251 -7.46 -19.47 -19.08
CA THR A 251 -8.67 -19.92 -19.76
C THR A 251 -8.91 -19.08 -21.03
N LYS A 252 -9.64 -17.98 -20.90
CA LYS A 252 -9.86 -17.08 -22.04
C LYS A 252 -9.78 -15.59 -21.68
N ALA A 253 -8.58 -15.04 -21.86
CA ALA A 253 -8.38 -13.60 -21.93
C ALA A 253 -7.76 -13.32 -23.29
N GLU A 254 -8.15 -14.14 -24.27
CA GLU A 254 -7.56 -14.17 -25.61
C GLU A 254 -6.10 -14.64 -25.57
N LYS A 255 -5.73 -15.24 -24.44
CA LYS A 255 -4.37 -15.75 -24.16
C LYS A 255 -3.27 -14.68 -24.32
N LYS A 256 -3.69 -13.42 -24.40
CA LYS A 256 -2.77 -12.28 -24.40
C LYS A 256 -2.16 -12.11 -23.01
N GLU A 257 -1.01 -11.43 -22.95
CA GLU A 257 -0.37 -11.13 -21.68
C GLU A 257 -1.10 -10.01 -20.92
N SER A 258 -0.77 -9.86 -19.64
CA SER A 258 -1.40 -8.87 -18.76
C SER A 258 -1.35 -7.43 -19.32
N PRO A 259 -0.13 -6.89 -19.57
CA PRO A 259 -0.06 -5.57 -20.19
C PRO A 259 -0.51 -5.56 -21.65
N GLU A 260 -0.42 -6.72 -22.31
CA GLU A 260 -0.78 -6.86 -23.72
C GLU A 260 -2.29 -6.77 -23.97
N TYR A 261 -3.08 -7.33 -23.06
CA TYR A 261 -4.54 -7.38 -23.22
C TYR A 261 -5.21 -6.02 -23.06
N PHE A 262 -4.78 -5.26 -22.06
CA PHE A 262 -5.33 -3.92 -21.80
C PHE A 262 -4.86 -2.90 -22.82
N LYS A 263 -3.80 -3.25 -23.57
CA LYS A 263 -3.27 -2.42 -24.64
C LYS A 263 -4.27 -2.29 -25.80
N ASP A 264 -5.17 -3.27 -25.93
CA ASP A 264 -6.13 -3.32 -27.03
C ASP A 264 -7.60 -3.36 -26.57
N LYS A 265 -7.83 -3.22 -25.27
CA LYS A 265 -9.18 -3.34 -24.72
C LYS A 265 -9.78 -1.97 -24.36
N CYS A 266 -9.12 -1.27 -23.44
CA CYS A 266 -9.60 0.01 -22.94
C CYS A 266 -8.86 1.19 -23.57
N ASN A 267 -8.95 1.29 -24.90
CA ASN A 267 -8.33 2.36 -25.67
C ASN A 267 -6.83 2.54 -25.40
N GLY A 268 -6.37 3.80 -25.41
CA GLY A 268 -4.96 4.12 -25.24
C GLY A 268 -4.55 4.54 -23.84
N GLU A 269 -5.50 4.52 -22.90
CA GLU A 269 -5.20 4.88 -21.51
C GLU A 269 -5.05 3.68 -20.56
N CYS A 270 -4.66 2.54 -21.15
CA CYS A 270 -4.22 1.37 -20.41
C CYS A 270 -2.92 0.88 -21.05
N SER A 271 -2.47 1.60 -22.08
CA SER A 271 -1.26 1.27 -22.81
C SER A 271 0.00 1.53 -21.99
N CYS A 272 -0.08 2.51 -21.09
CA CYS A 272 1.04 2.90 -20.24
C CYS A 272 1.54 1.74 -19.38
N LEU A 273 0.69 0.74 -19.19
CA LEU A 273 1.03 -0.50 -18.50
C LEU A 273 2.01 -1.33 -19.32
N SER A 274 1.79 -1.38 -20.64
CA SER A 274 2.68 -2.09 -21.55
C SER A 274 3.84 -1.20 -22.01
N GLU A 275 3.53 0.07 -22.24
CA GLU A 275 4.49 1.04 -22.76
C GLU A 275 5.66 1.31 -21.80
N TYR A 276 5.46 1.00 -20.52
CA TYR A 276 6.47 1.33 -19.50
C TYR A 276 6.79 0.19 -18.52
N PHE A 277 5.98 -0.87 -18.52
CA PHE A 277 6.12 -1.94 -17.51
C PHE A 277 6.03 -3.37 -18.04
N LYS A 278 5.91 -3.54 -19.35
CA LYS A 278 5.75 -4.88 -19.95
C LYS A 278 7.05 -5.68 -20.05
N ASP A 279 8.04 -5.13 -20.76
CA ASP A 279 9.29 -5.85 -21.07
C ASP A 279 9.92 -6.56 -19.88
N GLU A 280 10.09 -5.81 -18.79
CA GLU A 280 10.50 -6.36 -17.50
C GLU A 280 9.65 -5.76 -16.40
N THR A 281 9.63 -6.41 -15.25
CA THR A 281 9.02 -5.83 -14.06
C THR A 281 9.96 -4.75 -13.50
N ARG A 282 10.20 -3.72 -14.33
CA ARG A 282 11.07 -2.60 -13.99
C ARG A 282 10.40 -1.60 -13.06
N TRP A 283 9.42 -2.10 -12.29
CA TRP A 283 8.78 -1.35 -11.22
C TRP A 283 9.79 -1.07 -10.12
N LYS A 284 10.80 -1.93 -10.03
CA LYS A 284 11.85 -1.86 -9.01
C LYS A 284 12.63 -0.55 -9.07
N ASN A 285 12.74 0.01 -10.28
CA ASN A 285 13.29 1.34 -10.47
C ASN A 285 12.23 2.27 -11.11
N PRO A 286 11.55 3.08 -10.27
CA PRO A 286 10.46 3.94 -10.73
C PRO A 286 10.95 5.10 -11.61
N TYR A 287 12.23 5.43 -11.52
CA TYR A 287 12.82 6.51 -12.30
C TYR A 287 13.22 6.08 -13.71
N GLU A 288 13.35 4.77 -13.91
CA GLU A 288 13.68 4.20 -15.21
C GLU A 288 12.52 4.29 -16.20
N THR A 289 11.31 4.48 -15.66
CA THR A 289 10.09 4.56 -16.48
C THR A 289 9.85 5.96 -17.04
N LEU A 290 10.90 6.77 -17.07
CA LEU A 290 10.84 8.14 -17.56
C LEU A 290 11.36 8.23 -18.98
N ASP A 291 10.50 8.64 -19.91
CA ASP A 291 10.86 8.79 -21.31
C ASP A 291 11.85 9.93 -21.55
N ASP A 292 11.69 11.01 -20.79
CA ASP A 292 12.63 12.14 -20.82
C ASP A 292 13.87 11.82 -20.01
N THR A 293 15.04 12.01 -20.63
CA THR A 293 16.32 11.71 -20.00
C THR A 293 16.87 12.90 -19.20
N GLU A 294 16.30 14.09 -19.42
CA GLU A 294 16.73 15.30 -18.71
C GLU A 294 16.32 15.31 -17.23
N VAL A 295 15.04 15.11 -16.96
CA VAL A 295 14.48 15.16 -15.60
C VAL A 295 14.92 13.96 -14.75
N LYS A 296 15.35 12.89 -15.41
CA LYS A 296 15.74 11.64 -14.75
C LYS A 296 16.86 11.81 -13.73
N ASN A 297 17.76 12.76 -13.99
CA ASN A 297 18.91 13.00 -13.12
C ASN A 297 18.62 13.83 -11.88
N ASN A 298 17.63 14.71 -11.97
CA ASN A 298 17.22 15.55 -10.85
C ASN A 298 16.59 14.74 -9.71
N CYS A 299 15.89 13.67 -10.10
CA CYS A 299 15.27 12.75 -9.13
C CYS A 299 16.29 11.73 -8.64
N MET A 300 17.27 11.41 -9.49
CA MET A 300 18.25 10.37 -9.21
C MET A 300 19.60 10.95 -8.81
N CYS A 301 19.59 12.19 -8.31
CA CYS A 301 20.80 12.91 -7.92
C CYS A 301 21.39 12.35 -6.62
N LYS A 302 20.75 12.33 -5.57
N ASP B 17 5.17 10.62 6.21
CA ASP B 17 4.07 9.59 6.20
C ASP B 17 4.20 8.66 4.98
N ASP B 18 5.44 8.37 4.60
CA ASP B 18 5.71 7.49 3.46
C ASP B 18 5.52 6.01 3.79
N THR B 19 5.53 5.17 2.75
CA THR B 19 5.06 3.78 2.85
C THR B 19 6.16 2.73 2.88
N TRP B 20 5.77 1.50 3.19
CA TRP B 20 6.68 0.37 3.27
C TRP B 20 6.72 -0.42 1.96
N THR B 21 7.81 -0.23 1.21
CA THR B 21 7.98 -0.84 -0.10
C THR B 21 8.51 -2.27 0.01
N ASP B 22 8.46 -3.01 -1.10
CA ASP B 22 8.99 -4.37 -1.17
C ASP B 22 10.28 -4.45 -2.00
N LEU B 23 11.09 -3.40 -1.94
CA LEU B 23 12.36 -3.35 -2.67
C LEU B 23 13.44 -4.13 -1.93
N VAL B 24 13.34 -5.46 -2.00
CA VAL B 24 14.25 -6.37 -1.32
C VAL B 24 14.93 -7.34 -2.30
N LYS B 25 16.09 -7.85 -1.91
CA LYS B 25 16.95 -8.66 -2.79
C LYS B 25 16.30 -9.89 -3.40
N ASN B 26 15.39 -10.53 -2.67
CA ASN B 26 14.74 -11.75 -3.15
C ASN B 26 13.21 -11.72 -3.02
N SER B 27 12.59 -10.70 -3.61
CA SER B 27 11.15 -10.46 -3.49
C SER B 27 10.27 -11.67 -3.82
N SER B 28 10.55 -12.32 -4.96
CA SER B 28 9.73 -13.42 -5.44
C SER B 28 9.94 -14.72 -4.66
N ASP B 29 11.16 -14.94 -4.17
CA ASP B 29 11.53 -16.24 -3.58
C ASP B 29 11.69 -16.24 -2.05
N ILE B 30 12.91 -16.40 -1.56
CA ILE B 30 13.16 -16.52 -0.11
C ILE B 30 12.68 -15.31 0.69
N ASN B 31 12.93 -14.12 0.17
CA ASN B 31 12.49 -12.88 0.80
C ASN B 31 11.11 -12.45 0.30
N LYS B 32 10.13 -13.34 0.42
CA LYS B 32 8.74 -13.00 0.08
C LYS B 32 7.98 -12.62 1.35
N GLY B 33 7.48 -11.39 1.37
CA GLY B 33 6.76 -10.88 2.53
C GLY B 33 7.53 -9.81 3.28
N VAL B 34 8.86 -9.88 3.22
CA VAL B 34 9.71 -8.86 3.82
C VAL B 34 9.48 -7.51 3.14
N LEU B 35 9.52 -6.44 3.93
CA LEU B 35 9.17 -5.10 3.46
C LEU B 35 10.23 -4.10 3.92
N LEU B 36 10.42 -3.05 3.14
CA LEU B 36 11.48 -2.07 3.39
C LEU B 36 11.01 -0.91 4.25
N PRO B 37 11.61 -0.75 5.45
CA PRO B 37 11.33 0.41 6.29
C PRO B 37 11.76 1.71 5.61
N PRO B 38 10.81 2.67 5.45
CA PRO B 38 11.09 3.96 4.85
C PRO B 38 12.39 4.57 5.36
N ARG B 39 12.68 4.35 6.64
CA ARG B 39 13.92 4.82 7.27
C ARG B 39 15.16 4.24 6.59
N ARG B 40 15.14 2.92 6.38
CA ARG B 40 16.26 2.20 5.74
C ARG B 40 16.46 2.62 4.27
N LYS B 41 15.36 2.89 3.57
CA LYS B 41 15.44 3.32 2.17
C LYS B 41 16.08 4.70 2.02
N ASN B 42 15.76 5.60 2.95
CA ASN B 42 16.31 6.95 2.94
C ASN B 42 17.77 7.00 3.40
N LEU B 43 18.15 6.04 4.23
CA LEU B 43 19.53 5.89 4.69
C LEU B 43 20.49 5.80 3.49
N PHE B 44 21.39 6.77 3.39
CA PHE B 44 22.23 6.93 2.21
C PHE B 44 23.67 6.45 2.45
N LEU B 45 23.96 5.27 1.94
CA LEU B 45 25.30 4.70 2.00
C LEU B 45 25.65 4.10 0.64
N LYS B 46 25.89 4.98 -0.33
CA LYS B 46 26.15 4.58 -1.71
C LYS B 46 27.63 4.64 -2.05
N ILE B 47 28.12 3.57 -2.67
CA ILE B 47 29.48 3.52 -3.20
C ILE B 47 29.41 3.21 -4.70
N ASP B 48 30.18 3.96 -5.49
CA ASP B 48 30.22 3.77 -6.94
C ASP B 48 31.13 2.60 -7.32
N GLU B 49 30.87 2.03 -8.48
CA GLU B 49 31.59 0.85 -8.98
C GLU B 49 33.07 1.11 -9.24
N SER B 50 33.40 2.31 -9.73
CA SER B 50 34.78 2.68 -10.00
C SER B 50 35.55 3.06 -8.73
N ASP B 51 34.83 3.25 -7.63
CA ASP B 51 35.41 3.70 -6.38
C ASP B 51 35.86 2.55 -5.47
N ILE B 52 35.96 1.34 -6.02
CA ILE B 52 36.37 0.16 -5.26
C ILE B 52 37.81 0.29 -4.76
N CYS B 53 38.72 0.58 -5.69
CA CYS B 53 40.14 0.63 -5.39
C CYS B 53 40.55 1.87 -4.58
N LYS B 54 39.69 2.87 -4.55
CA LYS B 54 39.87 4.08 -3.75
C LYS B 54 39.97 3.75 -2.26
N TYR B 55 38.91 3.14 -1.73
CA TYR B 55 38.83 2.76 -0.32
C TYR B 55 39.70 1.55 -0.02
N LYS B 56 39.93 0.72 -1.05
CA LYS B 56 40.68 -0.53 -0.90
C LYS B 56 42.14 -0.27 -0.53
N ARG B 57 42.72 0.79 -1.10
CA ARG B 57 44.10 1.16 -0.80
C ARG B 57 44.25 1.87 0.54
N ASP B 58 43.58 3.02 0.69
CA ASP B 58 43.66 3.79 1.94
C ASP B 58 42.65 3.28 2.96
N PRO B 59 43.15 2.70 4.08
CA PRO B 59 42.30 2.13 5.12
C PRO B 59 41.49 3.17 5.89
N LYS B 60 42.12 4.30 6.21
CA LYS B 60 41.47 5.40 6.92
C LYS B 60 40.33 6.05 6.13
N LEU B 61 40.49 6.09 4.80
CA LEU B 61 39.50 6.70 3.92
C LEU B 61 38.13 6.02 4.05
N PHE B 62 38.13 4.69 4.12
CA PHE B 62 36.90 3.91 4.27
C PHE B 62 36.25 4.15 5.63
N LYS B 63 37.08 4.26 6.67
CA LYS B 63 36.60 4.58 8.02
C LYS B 63 35.80 5.88 7.94
N ASP B 64 36.47 6.94 7.51
CA ASP B 64 35.88 8.27 7.38
C ASP B 64 34.53 8.27 6.65
N PHE B 65 34.42 7.42 5.62
CA PHE B 65 33.20 7.32 4.82
C PHE B 65 32.03 6.70 5.60
N ILE B 66 32.30 5.61 6.32
CA ILE B 66 31.28 4.94 7.12
C ILE B 66 30.89 5.77 8.34
N TYR B 67 31.89 6.37 8.98
CA TYR B 67 31.68 7.28 10.11
C TYR B 67 30.87 8.52 9.67
N SER B 68 31.22 9.05 8.51
CA SER B 68 30.54 10.23 7.94
C SER B 68 29.10 9.92 7.53
N SER B 69 28.89 8.72 6.99
CA SER B 69 27.55 8.26 6.62
C SER B 69 26.67 8.06 7.85
N ALA B 70 27.27 7.51 8.90
CA ALA B 70 26.62 7.36 10.20
C ALA B 70 26.28 8.72 10.79
N ILE B 71 27.13 9.72 10.50
CA ILE B 71 26.88 11.11 10.91
C ILE B 71 25.76 11.73 10.07
N SER B 72 25.85 11.58 8.75
CA SER B 72 24.84 12.10 7.82
C SER B 72 23.45 11.55 8.11
N GLU B 73 23.39 10.30 8.55
CA GLU B 73 22.14 9.63 8.88
C GLU B 73 21.45 10.26 10.09
N VAL B 74 22.23 10.64 11.10
CA VAL B 74 21.71 11.31 12.29
C VAL B 74 21.14 12.69 11.90
N GLU B 75 21.83 13.37 10.99
CA GLU B 75 21.40 14.66 10.47
C GLU B 75 20.07 14.57 9.70
N ARG B 76 19.87 13.44 9.03
CA ARG B 76 18.64 13.17 8.28
C ARG B 76 17.46 12.98 9.22
N LEU B 77 17.66 12.19 10.28
CA LEU B 77 16.62 11.90 11.27
C LEU B 77 16.21 13.16 12.05
N LYS B 78 17.07 14.18 12.01
CA LYS B 78 16.78 15.47 12.61
C LYS B 78 15.78 16.24 11.74
N LYS B 79 16.01 16.22 10.42
CA LYS B 79 15.12 16.85 9.45
C LYS B 79 13.74 16.17 9.41
N VAL B 80 13.69 14.91 9.83
CA VAL B 80 12.46 14.12 9.81
C VAL B 80 11.72 14.14 11.15
N TYR B 81 12.39 13.67 12.20
CA TYR B 81 11.79 13.55 13.53
C TYR B 81 12.15 14.72 14.46
N GLY B 82 12.22 15.92 13.89
CA GLY B 82 12.64 17.11 14.63
C GLY B 82 11.79 17.50 15.83
N GLU B 83 12.46 17.98 16.89
CA GLU B 83 11.83 18.39 18.16
C GLU B 83 11.28 17.23 18.99
N ALA B 84 11.46 16.00 18.47
CA ALA B 84 11.11 14.80 19.22
C ALA B 84 12.42 14.23 19.74
N LYS B 85 12.39 13.68 20.95
CA LYS B 85 13.61 13.24 21.60
C LYS B 85 13.75 11.72 21.66
N THR B 86 12.66 11.02 21.98
CA THR B 86 12.69 9.56 22.10
C THR B 86 12.39 8.82 20.80
N LYS B 87 11.97 9.56 19.77
CA LYS B 87 11.70 8.98 18.45
C LYS B 87 12.93 9.05 17.55
N VAL B 88 13.69 10.13 17.66
CA VAL B 88 14.91 10.32 16.87
C VAL B 88 16.04 9.38 17.31
N VAL B 89 16.10 9.09 18.61
CA VAL B 89 17.11 8.18 19.16
C VAL B 89 16.73 6.72 18.94
N HIS B 90 15.43 6.46 18.83
CA HIS B 90 14.92 5.11 18.57
C HIS B 90 15.22 4.72 17.12
N ALA B 91 15.11 5.70 16.22
CA ALA B 91 15.43 5.50 14.81
C ALA B 91 16.94 5.42 14.58
N MET B 92 17.71 6.12 15.41
CA MET B 92 19.17 6.03 15.38
C MET B 92 19.65 4.60 15.56
N LYS B 93 19.13 3.95 16.60
CA LYS B 93 19.50 2.58 16.96
C LYS B 93 19.18 1.58 15.84
N TYR B 94 17.97 1.69 15.29
CA TYR B 94 17.54 0.84 14.17
C TYR B 94 18.42 1.02 12.94
N SER B 95 18.86 2.26 12.73
CA SER B 95 19.72 2.59 11.59
C SER B 95 21.18 2.26 11.89
N PHE B 96 21.54 2.22 13.17
CA PHE B 96 22.87 1.80 13.59
C PHE B 96 23.09 0.34 13.22
N ALA B 97 22.19 -0.53 13.70
CA ALA B 97 22.22 -1.95 13.41
C ALA B 97 22.12 -2.22 11.90
N ASP B 98 21.41 -1.34 11.20
CA ASP B 98 21.27 -1.43 9.74
C ASP B 98 22.60 -1.25 9.02
N ILE B 99 23.42 -0.29 9.48
CA ILE B 99 24.76 -0.08 8.94
C ILE B 99 25.62 -1.31 9.22
N GLY B 100 25.41 -1.93 10.38
CA GLY B 100 26.05 -3.20 10.73
C GLY B 100 25.81 -4.27 9.68
N SER B 101 24.54 -4.43 9.29
CA SER B 101 24.14 -5.41 8.29
C SER B 101 24.69 -5.12 6.88
N ILE B 102 24.99 -3.85 6.61
CA ILE B 102 25.60 -3.44 5.34
C ILE B 102 27.05 -3.92 5.26
N ILE B 103 27.82 -3.66 6.31
CA ILE B 103 29.22 -4.06 6.39
C ILE B 103 29.34 -5.59 6.39
N LYS B 104 28.55 -6.24 7.25
CA LYS B 104 28.52 -7.70 7.37
C LYS B 104 28.06 -8.37 6.07
N GLY B 105 27.07 -7.76 5.42
CA GLY B 105 26.54 -8.27 4.16
C GLY B 105 25.13 -8.84 4.24
N ASP B 106 24.59 -8.92 5.45
CA ASP B 106 23.27 -9.52 5.65
C ASP B 106 22.09 -8.55 5.45
N ASP B 107 22.39 -7.33 5.04
CA ASP B 107 21.36 -6.32 4.73
C ASP B 107 20.54 -6.72 3.50
N MET B 108 19.24 -6.49 3.56
CA MET B 108 18.30 -7.03 2.57
C MET B 108 17.89 -6.08 1.43
N MET B 109 18.28 -4.81 1.51
CA MET B 109 17.96 -3.83 0.47
C MET B 109 18.71 -4.16 -0.83
N GLU B 110 18.10 -3.83 -1.97
CA GLU B 110 18.62 -4.22 -3.29
C GLU B 110 19.92 -3.53 -3.68
N ASN B 111 19.85 -2.25 -4.06
CA ASN B 111 21.03 -1.49 -4.47
C ASN B 111 21.76 -0.89 -3.26
N ASN B 112 22.08 -1.76 -2.31
CA ASN B 112 22.69 -1.35 -1.04
C ASN B 112 24.21 -1.22 -1.08
N SER B 113 24.81 -1.71 -2.17
CA SER B 113 26.26 -1.72 -2.37
C SER B 113 26.97 -2.57 -1.31
N SER B 114 26.50 -3.81 -1.15
CA SER B 114 27.06 -4.75 -0.19
C SER B 114 28.17 -5.59 -0.81
N ASP B 115 28.03 -5.90 -2.10
CA ASP B 115 29.05 -6.61 -2.87
C ASP B 115 30.35 -5.80 -2.91
N LYS B 116 30.19 -4.49 -3.10
CA LYS B 116 31.31 -3.56 -3.22
C LYS B 116 32.13 -3.48 -1.94
N ILE B 117 31.44 -3.45 -0.79
CA ILE B 117 32.11 -3.43 0.52
C ILE B 117 32.92 -4.70 0.75
N GLY B 118 32.44 -5.82 0.25
CA GLY B 118 33.14 -7.11 0.35
C GLY B 118 34.54 -7.09 -0.21
N LYS B 119 34.71 -6.45 -1.37
CA LYS B 119 36.02 -6.28 -2.00
C LYS B 119 36.96 -5.38 -1.18
N ILE B 120 36.41 -4.29 -0.65
CA ILE B 120 37.18 -3.29 0.10
C ILE B 120 37.90 -3.91 1.31
N LEU B 121 37.17 -4.73 2.06
CA LEU B 121 37.66 -5.25 3.33
C LEU B 121 38.42 -6.58 3.20
N GLY B 122 38.87 -6.86 1.99
CA GLY B 122 39.72 -8.02 1.71
C GLY B 122 39.05 -9.37 1.91
N ASP B 123 37.82 -9.50 1.44
CA ASP B 123 37.08 -10.75 1.52
C ASP B 123 36.83 -11.33 0.13
N GLY B 124 35.64 -11.03 -0.41
CA GLY B 124 35.19 -11.58 -1.69
C GLY B 124 34.94 -13.07 -1.63
N VAL B 125 34.41 -13.61 -2.74
CA VAL B 125 34.38 -15.05 -3.00
C VAL B 125 33.47 -15.90 -2.08
N GLY B 126 32.60 -15.24 -1.32
CA GLY B 126 31.61 -15.95 -0.50
C GLY B 126 31.91 -16.00 0.98
N GLN B 127 32.94 -15.26 1.40
CA GLN B 127 33.29 -15.16 2.82
C GLN B 127 32.98 -13.78 3.37
N ASN B 128 32.77 -13.72 4.68
CA ASN B 128 32.62 -12.46 5.39
C ASN B 128 33.64 -12.34 6.52
N GLU B 129 34.61 -13.26 6.54
CA GLU B 129 35.57 -13.40 7.63
C GLU B 129 36.05 -12.09 8.24
N LYS B 130 36.63 -11.22 7.40
CA LYS B 130 37.27 -10.00 7.89
C LYS B 130 36.30 -8.80 7.98
N ARG B 131 35.26 -8.82 7.16
CA ARG B 131 34.25 -7.76 7.19
C ARG B 131 33.32 -7.88 8.41
N LYS B 132 33.24 -9.08 8.96
CA LYS B 132 32.49 -9.34 10.19
C LYS B 132 33.30 -8.91 11.40
N LYS B 133 34.62 -9.01 11.29
CA LYS B 133 35.54 -8.54 12.34
C LYS B 133 35.69 -7.03 12.29
N TRP B 134 35.64 -6.46 11.08
CA TRP B 134 35.71 -5.01 10.88
C TRP B 134 34.58 -4.31 11.63
N TRP B 135 33.37 -4.84 11.51
CA TRP B 135 32.22 -4.32 12.23
C TRP B 135 32.44 -4.37 13.74
N ASP B 136 32.96 -5.49 14.24
CA ASP B 136 33.21 -5.67 15.67
C ASP B 136 34.13 -4.64 16.30
N MET B 137 35.21 -4.29 15.58
CA MET B 137 36.18 -3.31 16.08
C MET B 137 35.67 -1.88 15.98
N ASN B 138 34.95 -1.60 14.89
CA ASN B 138 34.53 -0.23 14.58
C ASN B 138 33.14 0.17 15.09
N LYS B 139 32.31 -0.83 15.40
CA LYS B 139 30.91 -0.59 15.79
C LYS B 139 30.75 0.35 16.99
N TYR B 140 31.72 0.31 17.90
CA TYR B 140 31.73 1.21 19.05
C TYR B 140 31.97 2.65 18.60
N HIS B 141 32.97 2.86 17.77
CA HIS B 141 33.32 4.19 17.27
C HIS B 141 32.29 4.72 16.27
N ILE B 142 31.62 3.82 15.56
CA ILE B 142 30.54 4.17 14.63
C ILE B 142 29.35 4.76 15.41
N TRP B 143 28.97 4.10 16.51
CA TRP B 143 27.93 4.63 17.39
C TRP B 143 28.38 5.93 18.05
N GLU B 144 29.67 6.00 18.38
CA GLU B 144 30.25 7.20 18.99
C GLU B 144 30.14 8.40 18.06
N SER B 145 30.35 8.18 16.77
CA SER B 145 30.18 9.21 15.75
C SER B 145 28.72 9.63 15.60
N MET B 146 27.83 8.65 15.75
CA MET B 146 26.39 8.92 15.75
C MET B 146 25.98 9.68 17.03
N LEU B 147 26.61 9.31 18.14
CA LEU B 147 26.35 9.93 19.44
C LEU B 147 26.87 11.37 19.48
N SER B 148 27.97 11.62 18.77
CA SER B 148 28.56 12.96 18.67
C SER B 148 27.74 13.89 17.77
N GLY B 149 27.21 13.33 16.68
CA GLY B 149 26.37 14.07 15.74
C GLY B 149 25.02 14.47 16.32
N TYR B 150 24.60 13.75 17.36
CA TYR B 150 23.39 14.06 18.11
C TYR B 150 23.55 15.38 18.87
N LYS B 151 24.75 15.62 19.40
CA LYS B 151 25.09 16.87 20.07
C LYS B 151 25.13 18.03 19.08
N HIS B 152 25.75 17.80 17.93
CA HIS B 152 25.86 18.79 16.86
C HIS B 152 24.49 19.23 16.35
N ALA B 153 23.50 18.35 16.50
CA ALA B 153 22.13 18.62 16.04
C ALA B 153 21.21 19.11 17.16
N TYR B 154 21.17 18.36 18.26
CA TYR B 154 20.34 18.71 19.41
C TYR B 154 21.15 19.46 20.47
N GLY B 155 22.11 18.79 21.09
CA GLY B 155 23.08 19.43 21.98
C GLY B 155 22.57 19.84 23.36
N ASN B 156 23.41 19.66 24.39
CA ASN B 156 24.73 19.04 24.21
C ASN B 156 24.96 17.83 25.13
N ILE B 157 25.33 18.08 26.38
CA ILE B 157 25.58 17.00 27.34
C ILE B 157 24.33 16.66 28.17
N SER B 158 23.29 16.18 27.49
CA SER B 158 22.05 15.75 28.14
C SER B 158 22.24 14.41 28.85
N GLU B 159 22.75 14.49 30.07
CA GLU B 159 23.00 13.31 30.91
C GLU B 159 21.70 12.71 31.44
N ASN B 160 20.62 13.49 31.38
CA ASN B 160 19.30 13.04 31.81
C ASN B 160 18.65 12.09 30.79
N ASP B 161 18.97 12.31 29.51
CA ASP B 161 18.45 11.49 28.42
C ASP B 161 19.31 10.25 28.16
N ARG B 162 20.43 10.14 28.88
CA ARG B 162 21.40 9.06 28.72
C ARG B 162 20.85 7.68 29.09
N LYS B 163 19.87 7.66 29.99
CA LYS B 163 19.25 6.42 30.52
C LYS B 163 19.26 5.24 29.55
N MET B 164 18.56 5.39 28.43
CA MET B 164 18.45 4.32 27.44
C MET B 164 19.21 4.64 26.15
N LEU B 165 19.81 5.84 26.11
CA LEU B 165 20.62 6.26 24.96
C LEU B 165 22.06 5.79 25.11
N ASP B 166 22.26 4.49 24.89
CA ASP B 166 23.59 3.88 24.93
C ASP B 166 23.72 2.85 23.81
N ILE B 167 24.94 2.40 23.55
CA ILE B 167 25.23 1.44 22.50
C ILE B 167 24.21 0.29 22.52
N PRO B 168 23.48 0.10 21.39
CA PRO B 168 22.45 -0.93 21.34
C PRO B 168 23.03 -2.33 21.25
N ASN B 169 22.39 -3.28 21.93
CA ASN B 169 22.82 -4.67 21.93
C ASN B 169 21.95 -5.50 20.98
N ASN B 170 21.76 -4.99 19.76
CA ASN B 170 20.85 -5.60 18.79
C ASN B 170 21.37 -5.68 17.35
N ASP B 171 22.67 -5.47 17.16
CA ASP B 171 23.30 -5.65 15.85
C ASP B 171 23.45 -7.13 15.50
N ASP B 172 23.30 -7.97 16.52
CA ASP B 172 23.33 -9.43 16.36
C ASP B 172 21.95 -10.00 16.06
N GLU B 173 20.91 -9.20 16.33
CA GLU B 173 19.52 -9.60 16.09
C GLU B 173 19.20 -9.59 14.60
N HIS B 174 18.44 -10.60 14.16
CA HIS B 174 18.07 -10.75 12.75
C HIS B 174 17.41 -9.49 12.19
N GLN B 175 17.75 -9.15 10.95
CA GLN B 175 17.33 -7.88 10.36
C GLN B 175 15.83 -7.79 10.10
N PHE B 176 15.26 -8.82 9.47
CA PHE B 176 13.81 -8.88 9.25
C PHE B 176 13.05 -8.72 10.57
N LEU B 177 13.58 -9.37 11.61
CA LEU B 177 12.97 -9.37 12.93
C LEU B 177 13.09 -8.02 13.62
N ARG B 178 14.12 -7.25 13.24
CA ARG B 178 14.29 -5.87 13.69
C ARG B 178 13.35 -4.95 12.92
N TRP B 179 13.13 -5.28 11.65
CA TRP B 179 12.31 -4.48 10.74
C TRP B 179 10.83 -4.56 11.08
N PHE B 180 10.37 -5.77 11.38
CA PHE B 180 9.00 -6.03 11.83
C PHE B 180 8.72 -5.28 13.14
N GLN B 181 9.69 -5.27 14.05
CA GLN B 181 9.57 -4.56 15.32
C GLN B 181 9.41 -3.06 15.09
N GLU B 182 10.30 -2.50 14.26
CA GLU B 182 10.23 -1.10 13.86
C GLU B 182 8.88 -0.79 13.24
N TRP B 183 8.39 -1.70 12.40
CA TRP B 183 7.09 -1.57 11.76
C TRP B 183 5.96 -1.56 12.78
N THR B 184 6.03 -2.48 13.75
CA THR B 184 4.99 -2.64 14.76
C THR B 184 4.93 -1.43 15.70
N GLU B 185 6.10 -0.91 16.09
CA GLU B 185 6.19 0.32 16.88
C GLU B 185 5.51 1.47 16.14
N ASN B 186 5.92 1.66 14.88
CA ASN B 186 5.40 2.71 14.02
C ASN B 186 3.90 2.58 13.78
N PHE B 187 3.46 1.35 13.52
CA PHE B 187 2.03 1.05 13.35
C PHE B 187 1.26 1.40 14.62
N CYS B 188 1.85 1.07 15.77
CA CYS B 188 1.22 1.33 17.06
C CYS B 188 1.15 2.81 17.41
N THR B 189 2.25 3.52 17.20
CA THR B 189 2.31 4.96 17.47
C THR B 189 1.24 5.72 16.69
N LYS B 190 1.14 5.43 15.39
CA LYS B 190 0.17 6.09 14.52
C LYS B 190 -1.27 5.68 14.80
N ARG B 191 -1.48 4.37 15.02
CA ARG B 191 -2.80 3.84 15.38
C ARG B 191 -3.29 4.50 16.67
N ASN B 192 -2.37 4.66 17.63
CA ASN B 192 -2.63 5.36 18.87
C ASN B 192 -2.92 6.84 18.63
N GLU B 193 -2.13 7.45 17.73
CA GLU B 193 -2.27 8.86 17.38
C GLU B 193 -3.57 9.15 16.63
N LEU B 194 -3.99 8.22 15.77
CA LEU B 194 -5.23 8.38 15.01
C LEU B 194 -6.47 8.15 15.87
N TYR B 195 -6.30 7.41 16.97
CA TYR B 195 -7.36 7.22 17.96
C TYR B 195 -7.58 8.53 18.72
N GLU B 196 -6.49 9.24 19.01
CA GLU B 196 -6.53 10.56 19.64
C GLU B 196 -7.32 11.54 18.77
N ASN B 197 -7.11 11.44 17.46
CA ASN B 197 -7.81 12.28 16.49
C ASN B 197 -9.27 11.84 16.27
N MET B 198 -9.61 10.67 16.81
CA MET B 198 -10.98 10.14 16.75
C MET B 198 -11.79 10.44 18.00
N VAL B 199 -11.13 10.82 19.09
CA VAL B 199 -11.82 11.18 20.34
C VAL B 199 -11.88 12.69 20.58
N THR B 200 -10.81 13.39 20.21
CA THR B 200 -10.72 14.84 20.40
C THR B 200 -11.44 15.60 19.29
N ALA B 201 -11.08 15.29 18.04
CA ALA B 201 -11.72 15.91 16.88
C ALA B 201 -13.06 15.24 16.56
N CYS B 202 -13.63 14.58 17.56
CA CYS B 202 -14.91 13.89 17.46
C CYS B 202 -15.49 13.63 18.84
N GLU B 218 -19.75 15.91 11.35
CA GLU B 218 -18.64 16.00 10.41
C GLU B 218 -17.38 15.30 10.91
N CYS B 219 -17.52 14.60 12.04
CA CYS B 219 -16.45 13.83 12.66
C CYS B 219 -15.98 12.64 11.80
N THR B 220 -16.89 12.12 10.98
CA THR B 220 -16.63 10.95 10.12
C THR B 220 -15.38 11.07 9.24
N GLU B 221 -14.85 12.28 9.13
CA GLU B 221 -13.57 12.54 8.47
C GLU B 221 -12.46 11.70 9.11
N ALA B 222 -12.45 11.65 10.45
CA ALA B 222 -11.48 10.89 11.21
C ALA B 222 -11.83 9.41 11.31
N CYS B 223 -13.12 9.08 11.17
CA CYS B 223 -13.56 7.69 11.14
C CYS B 223 -12.91 6.95 9.97
N LYS B 224 -12.74 7.65 8.84
CA LYS B 224 -12.21 7.05 7.62
C LYS B 224 -10.69 7.19 7.45
N ASN B 225 -10.08 8.15 8.14
CA ASN B 225 -8.62 8.29 8.16
C ASN B 225 -7.96 7.17 8.95
N TYR B 226 -8.58 6.82 10.08
CA TYR B 226 -8.18 5.68 10.89
C TYR B 226 -8.43 4.39 10.13
N SER B 227 -9.66 4.21 9.67
CA SER B 227 -10.09 3.03 8.91
C SER B 227 -9.18 2.76 7.71
N ASN B 228 -8.87 3.81 6.95
CA ASN B 228 -8.00 3.71 5.78
C ASN B 228 -6.59 3.23 6.16
N PHE B 229 -6.00 3.87 7.16
CA PHE B 229 -4.68 3.51 7.68
C PHE B 229 -4.60 2.04 8.08
N ILE B 230 -5.63 1.57 8.80
CA ILE B 230 -5.70 0.17 9.24
C ILE B 230 -5.61 -0.78 8.04
N LEU B 231 -6.40 -0.50 7.01
CA LEU B 231 -6.48 -1.35 5.82
C LEU B 231 -5.21 -1.31 4.97
N ILE B 232 -4.52 -0.17 4.95
CA ILE B 232 -3.19 -0.08 4.34
C ILE B 232 -2.23 -0.98 5.11
N LYS B 233 -2.14 -0.74 6.42
CA LYS B 233 -1.25 -1.49 7.29
C LYS B 233 -1.68 -2.95 7.46
N LYS B 234 -2.87 -3.28 6.96
CA LYS B 234 -3.37 -4.65 6.97
C LYS B 234 -2.64 -5.49 5.92
N LYS B 235 -2.67 -5.03 4.68
CA LYS B 235 -1.97 -5.67 3.57
C LYS B 235 -0.49 -5.82 3.84
N GLU B 236 0.09 -4.76 4.43
CA GLU B 236 1.51 -4.72 4.79
C GLU B 236 1.86 -5.78 5.83
N TYR B 237 1.06 -5.84 6.91
CA TYR B 237 1.24 -6.83 7.96
C TYR B 237 1.13 -8.26 7.45
N GLN B 238 0.16 -8.49 6.56
CA GLN B 238 -0.06 -9.80 5.96
C GLN B 238 1.16 -10.32 5.22
N SER B 239 1.92 -9.41 4.62
CA SER B 239 3.20 -9.75 3.99
C SER B 239 4.24 -10.11 5.04
N LEU B 240 4.49 -9.20 5.98
CA LEU B 240 5.49 -9.40 7.03
C LEU B 240 5.27 -10.65 7.86
N ASN B 241 4.02 -10.87 8.27
CA ASN B 241 3.64 -12.05 9.06
C ASN B 241 3.75 -13.35 8.26
N SER B 242 3.56 -13.25 6.95
CA SER B 242 3.76 -14.39 6.04
C SER B 242 5.20 -14.87 6.10
N GLN B 243 6.14 -13.92 6.10
CA GLN B 243 7.57 -14.22 6.26
C GLN B 243 7.86 -14.71 7.67
N TYR B 244 7.25 -14.06 8.66
CA TYR B 244 7.43 -14.41 10.08
C TYR B 244 7.04 -15.85 10.36
N ASP B 245 5.90 -16.28 9.81
CA ASP B 245 5.42 -17.65 9.98
C ASP B 245 6.24 -18.67 9.19
N MET B 246 6.75 -18.24 8.03
CA MET B 246 7.45 -19.12 7.10
C MET B 246 8.82 -19.55 7.60
N ASN B 247 9.58 -18.63 8.20
CA ASN B 247 11.01 -18.86 8.47
C ASN B 247 11.50 -18.57 9.88
N TYR B 248 10.75 -17.78 10.64
CA TYR B 248 11.22 -17.25 11.91
C TYR B 248 10.46 -17.75 13.14
N LYS B 249 9.26 -18.27 12.92
CA LYS B 249 8.33 -18.62 14.00
C LYS B 249 8.93 -19.51 15.09
N GLU B 250 9.33 -20.73 14.71
CA GLU B 250 9.85 -21.71 15.67
C GLU B 250 11.38 -21.81 15.68
N THR B 251 11.99 -21.66 14.50
CA THR B 251 13.43 -21.82 14.34
C THR B 251 14.24 -20.66 14.93
N LYS B 252 13.69 -19.45 14.86
CA LYS B 252 14.36 -18.26 15.36
C LYS B 252 13.68 -17.68 16.60
N ALA B 253 12.40 -17.38 16.49
CA ALA B 253 11.61 -16.84 17.60
C ALA B 253 11.22 -17.93 18.60
N GLU B 254 10.40 -17.58 19.58
CA GLU B 254 10.04 -18.50 20.66
C GLU B 254 8.71 -19.23 20.40
N LYS B 255 8.55 -19.75 19.18
CA LYS B 255 7.40 -20.57 18.76
C LYS B 255 6.03 -19.90 18.90
N LYS B 256 6.03 -18.58 19.08
CA LYS B 256 4.80 -17.82 19.31
C LYS B 256 4.42 -16.92 18.14
N GLU B 257 3.16 -16.49 18.10
CA GLU B 257 2.66 -15.61 17.05
C GLU B 257 3.14 -14.17 17.25
N SER B 258 3.15 -13.41 16.15
CA SER B 258 3.59 -12.01 16.15
C SER B 258 2.92 -11.13 17.22
N PRO B 259 1.58 -11.20 17.35
CA PRO B 259 0.88 -10.49 18.42
C PRO B 259 1.57 -10.55 19.79
N GLU B 260 1.72 -11.76 20.34
CA GLU B 260 2.29 -11.96 21.67
C GLU B 260 3.79 -11.67 21.73
N TYR B 261 4.50 -12.12 20.70
CA TYR B 261 5.95 -11.99 20.63
C TYR B 261 6.44 -10.55 20.74
N PHE B 262 5.82 -9.64 20.00
CA PHE B 262 6.24 -8.25 19.96
C PHE B 262 5.86 -7.44 21.20
N LYS B 263 4.83 -7.89 21.91
CA LYS B 263 4.39 -7.23 23.14
C LYS B 263 5.50 -7.21 24.19
N ASP B 264 6.24 -8.30 24.29
CA ASP B 264 7.29 -8.46 25.29
C ASP B 264 8.66 -7.97 24.79
N LYS B 265 8.92 -8.14 23.50
CA LYS B 265 10.24 -7.88 22.93
C LYS B 265 10.62 -6.41 22.82
N CYS B 266 9.72 -5.58 22.29
CA CYS B 266 9.97 -4.14 22.18
C CYS B 266 9.73 -3.41 23.51
N ASN B 267 9.39 -4.19 24.54
CA ASN B 267 9.22 -3.71 25.91
C ASN B 267 8.17 -2.59 26.07
N GLY B 268 6.97 -2.85 25.57
CA GLY B 268 5.85 -1.94 25.81
C GLY B 268 5.10 -1.44 24.58
N GLU B 269 5.58 -0.32 24.03
CA GLU B 269 4.81 0.46 23.04
C GLU B 269 4.78 -0.10 21.61
N CYS B 270 4.60 -1.42 21.50
CA CYS B 270 4.19 -2.06 20.25
C CYS B 270 3.32 -3.28 20.55
N SER B 271 2.30 -3.06 21.37
CA SER B 271 1.45 -4.13 21.90
C SER B 271 0.05 -4.17 21.31
N CYS B 272 -0.18 -3.41 20.23
CA CYS B 272 -1.48 -3.36 19.56
C CYS B 272 -1.85 -4.71 18.98
N LEU B 273 -0.87 -5.39 18.41
CA LEU B 273 -1.05 -6.69 17.76
C LEU B 273 -1.66 -7.74 18.69
N SER B 274 -1.30 -7.68 19.96
CA SER B 274 -1.85 -8.60 20.95
C SER B 274 -3.19 -8.10 21.49
N GLU B 275 -3.26 -6.80 21.75
CA GLU B 275 -4.45 -6.18 22.35
C GLU B 275 -5.63 -6.11 21.38
N TYR B 276 -5.56 -5.17 20.43
CA TYR B 276 -6.67 -4.90 19.53
C TYR B 276 -6.80 -5.89 18.37
N PHE B 277 -5.65 -6.30 17.82
CA PHE B 277 -5.61 -7.09 16.60
C PHE B 277 -5.19 -8.54 16.85
N LYS B 278 -5.74 -9.14 17.90
CA LYS B 278 -5.43 -10.53 18.27
C LYS B 278 -5.92 -11.53 17.22
N ASP B 279 -7.21 -11.45 16.88
CA ASP B 279 -7.82 -12.32 15.87
C ASP B 279 -7.57 -11.78 14.47
N GLU B 280 -7.57 -12.68 13.49
CA GLU B 280 -7.30 -12.32 12.09
C GLU B 280 -8.42 -11.51 11.44
N THR B 281 -9.66 -11.81 11.80
CA THR B 281 -10.83 -11.13 11.24
C THR B 281 -11.01 -9.70 11.76
N ARG B 282 -10.21 -9.33 12.77
CA ARG B 282 -10.28 -8.00 13.37
C ARG B 282 -9.61 -6.94 12.49
N TRP B 283 -8.72 -7.39 11.61
CA TRP B 283 -8.10 -6.53 10.60
C TRP B 283 -9.13 -6.12 9.54
N LYS B 284 -10.12 -6.97 9.31
CA LYS B 284 -11.19 -6.73 8.34
C LYS B 284 -12.06 -5.53 8.74
N ASN B 285 -12.43 -5.48 10.01
CA ASN B 285 -13.29 -4.43 10.53
C ASN B 285 -12.55 -3.47 11.48
N PRO B 286 -12.10 -2.32 10.95
CA PRO B 286 -11.37 -1.32 11.74
C PRO B 286 -12.23 -0.55 12.75
N TYR B 287 -13.51 -0.94 12.90
CA TYR B 287 -14.42 -0.20 13.77
C TYR B 287 -14.81 -0.90 15.06
N GLU B 288 -14.94 -2.23 15.03
CA GLU B 288 -15.15 -2.99 16.27
C GLU B 288 -13.83 -3.37 16.94
N THR B 289 -12.75 -2.69 16.52
CA THR B 289 -11.44 -2.83 17.15
C THR B 289 -11.19 -1.73 18.17
N LEU B 290 -11.84 -0.57 17.98
CA LEU B 290 -11.80 0.50 18.98
C LEU B 290 -12.80 0.23 20.10
N ASP B 291 -12.32 0.33 21.33
CA ASP B 291 -13.02 -0.20 22.51
C ASP B 291 -14.27 0.55 22.93
N ASP B 292 -14.12 1.82 23.31
CA ASP B 292 -15.22 2.59 23.90
C ASP B 292 -16.41 2.76 22.95
N THR B 293 -17.61 2.74 23.53
CA THR B 293 -18.86 2.79 22.78
C THR B 293 -19.14 4.20 22.23
N GLU B 294 -18.45 5.19 22.78
CA GLU B 294 -18.69 6.60 22.45
C GLU B 294 -18.39 6.97 21.00
N VAL B 295 -17.34 6.38 20.42
CA VAL B 295 -16.85 6.83 19.11
C VAL B 295 -17.00 5.84 17.94
N LYS B 296 -17.24 4.56 18.22
CA LYS B 296 -17.43 3.57 17.15
C LYS B 296 -18.86 3.55 16.61
N ASN B 297 -19.81 3.99 17.44
CA ASN B 297 -21.23 3.93 17.11
C ASN B 297 -21.67 4.91 16.03
N ASN B 298 -20.98 6.04 15.95
CA ASN B 298 -21.25 7.05 14.91
C ASN B 298 -20.37 6.90 13.66
N CYS B 299 -19.32 6.08 13.75
CA CYS B 299 -18.56 5.66 12.57
C CYS B 299 -19.38 4.61 11.82
N MET B 300 -20.07 3.75 12.58
CA MET B 300 -20.96 2.73 12.02
C MET B 300 -22.40 3.24 11.90
N CYS B 301 -22.53 4.54 11.60
CA CYS B 301 -23.84 5.17 11.49
C CYS B 301 -24.41 5.05 10.07
N LYS B 302 -25.18 3.99 9.85
CA LYS B 302 -25.81 3.67 8.56
C LYS B 302 -24.79 3.51 7.42
#